data_5UFP
#
_entry.id   5UFP
#
_cell.length_a   73.379
_cell.length_b   84.057
_cell.length_c   41.472
_cell.angle_alpha   90.000
_cell.angle_beta   106.480
_cell.angle_gamma   90.000
#
_symmetry.space_group_name_H-M   'C 1 2 1'
#
loop_
_entity.id
_entity.type
_entity.pdbx_description
1 polymer 'Endothelial PAS domain-containing protein 1'
2 polymer 'Aryl hydrocarbon receptor nuclear translocator'
3 non-polymer 3-({(1S)-7-[(difluoromethyl)sulfonyl]-2,2-difluoro-1-hydroxy-2,3-dihydro-1H-inden-4-yl}oxy)-5-fluorobenzonitrile
4 water water
#
loop_
_entity_poly.entity_id
_entity_poly.type
_entity_poly.pdbx_seq_one_letter_code
_entity_poly.pdbx_strand_id
1 'polypeptide(L)'
;GEFLGLDSKTFLSEHSMDMKFTYCDDRITELIGYHPEELLGRSAYEFYHALDSENMTKSHQNLCTKGQVVSGQYRMLAKH
GGYVWLETQGTVIYNPRNLQPQCIMCVNYVLSEIE
;
A
2 'polypeptide(L)'
;GEFLGNVCQPTRFISRHNIEGIFTFVDHRCVATVGYQPQELLGKNIVEFCHPEDQQLLRDSFQQVVKLKGQVLSVMFRFR
SKNQEWLWMRTSSFTFQNPYSDEIEYIICTNTNVKNS
;
B
#
loop_
_chem_comp.id
_chem_comp.type
_chem_comp.name
_chem_comp.formula
86D non-polymer 3-({(1S)-7-[(difluoromethyl)sulfonyl]-2,2-difluoro-1-hydroxy-2,3-dihydro-1H-inden-4-yl}oxy)-5-fluorobenzonitrile 'C17 H10 F5 N O4 S'
#
# COMPACT_ATOMS: atom_id res chain seq x y z
N LEU A 6 -25.81 -3.86 -14.11
CA LEU A 6 -25.05 -2.57 -14.34
C LEU A 6 -25.07 -1.72 -13.09
N ASP A 7 -26.26 -1.26 -12.79
CA ASP A 7 -26.49 -0.47 -11.64
C ASP A 7 -26.18 -1.22 -10.31
N SER A 8 -26.55 -2.49 -10.23
CA SER A 8 -26.28 -3.20 -9.00
C SER A 8 -24.80 -3.66 -9.02
N LYS A 9 -24.06 -3.41 -10.10
CA LYS A 9 -22.61 -3.68 -10.07
C LYS A 9 -21.76 -2.39 -9.94
N THR A 10 -22.42 -1.28 -9.56
CA THR A 10 -21.74 -0.01 -9.58
C THR A 10 -21.81 0.51 -8.16
N PHE A 11 -20.66 0.99 -7.66
CA PHE A 11 -20.61 1.57 -6.32
C PHE A 11 -19.65 2.73 -6.29
N LEU A 12 -19.91 3.68 -5.36
CA LEU A 12 -18.96 4.79 -5.17
C LEU A 12 -17.97 4.59 -4.03
N SER A 13 -16.78 5.11 -4.17
CA SER A 13 -15.85 5.29 -3.09
C SER A 13 -15.24 6.69 -3.16
N GLU A 14 -14.67 7.14 -2.05
CA GLU A 14 -14.07 8.48 -1.97
C GLU A 14 -12.73 8.25 -1.37
N HIS A 15 -11.74 9.00 -1.82
CA HIS A 15 -10.41 8.77 -1.41
C HIS A 15 -9.76 10.08 -1.11
N SER A 16 -8.87 10.10 -0.10
CA SER A 16 -7.92 11.25 0.06
C SER A 16 -6.86 11.24 -1.06
N MET A 17 -6.11 12.35 -1.15
CA MET A 17 -5.13 12.51 -2.23
C MET A 17 -4.05 11.43 -2.18
N ASP A 18 -3.82 10.87 -0.98
CA ASP A 18 -2.91 9.72 -0.85
C ASP A 18 -3.53 8.39 -1.29
N MET A 19 -4.69 8.41 -1.98
CA MET A 19 -5.41 7.15 -2.39
C MET A 19 -6.09 6.39 -1.24
N LYS A 20 -5.96 6.86 0.00
CA LYS A 20 -6.67 6.14 1.06
C LYS A 20 -8.23 6.25 0.92
N PHE A 21 -8.97 5.15 1.18
CA PHE A 21 -10.42 5.23 1.34
C PHE A 21 -10.82 6.15 2.52
N THR A 22 -11.82 7.01 2.30
CA THR A 22 -12.43 7.83 3.32
C THR A 22 -13.90 7.57 3.35
N TYR A 23 -14.39 6.83 2.37
CA TYR A 23 -15.80 6.45 2.30
C TYR A 23 -16.07 5.35 1.29
N CYS A 24 -16.97 4.42 1.57
CA CYS A 24 -17.35 3.49 0.49
C CYS A 24 -18.84 3.10 0.51
N ASP A 25 -19.55 3.02 -0.65
CA ASP A 25 -20.94 2.47 -0.65
C ASP A 25 -20.94 1.09 -0.03
N ASP A 26 -22.02 0.74 0.63
CA ASP A 26 -22.18 -0.63 1.22
C ASP A 26 -22.29 -1.70 0.13
N ARG A 27 -22.79 -1.29 -1.03
CA ARG A 27 -22.92 -2.19 -2.18
C ARG A 27 -21.62 -2.98 -2.50
N ILE A 28 -20.45 -2.51 -2.01
CA ILE A 28 -19.20 -3.19 -2.26
C ILE A 28 -19.23 -4.55 -1.52
N THR A 29 -20.08 -4.61 -0.51
CA THR A 29 -20.22 -5.87 0.31
C THR A 29 -20.84 -7.04 -0.51
N GLU A 30 -21.99 -6.83 -1.16
CA GLU A 30 -22.54 -7.80 -2.14
C GLU A 30 -21.62 -8.16 -3.36
N LEU A 31 -20.57 -7.41 -3.60
CA LEU A 31 -19.82 -7.58 -4.81
C LEU A 31 -18.41 -8.12 -4.58
N ILE A 32 -17.74 -7.63 -3.53
CA ILE A 32 -16.34 -7.95 -3.34
C ILE A 32 -16.07 -8.51 -1.93
N GLY A 33 -17.09 -8.46 -1.07
CA GLY A 33 -17.05 -8.92 0.31
C GLY A 33 -16.63 -7.94 1.40
N TYR A 34 -15.92 -6.84 1.06
CA TYR A 34 -15.46 -5.92 2.11
C TYR A 34 -16.62 -5.15 2.74
N HIS A 35 -16.44 -4.81 4.02
CA HIS A 35 -17.27 -3.85 4.71
C HIS A 35 -16.64 -2.51 4.59
N PRO A 36 -17.43 -1.50 4.25
CA PRO A 36 -16.83 -0.19 4.00
C PRO A 36 -15.94 0.24 5.19
N GLU A 37 -16.43 0.02 6.42
CA GLU A 37 -15.69 0.44 7.61
C GLU A 37 -14.27 -0.19 7.67
N GLU A 38 -14.08 -1.36 7.08
CA GLU A 38 -12.74 -1.98 7.16
C GLU A 38 -11.80 -1.39 6.08
N LEU A 39 -12.36 -0.58 5.22
CA LEU A 39 -11.59 -0.06 4.12
C LEU A 39 -10.94 1.24 4.51
N LEU A 40 -11.57 2.00 5.39
CA LEU A 40 -11.19 3.38 5.63
C LEU A 40 -9.79 3.46 6.22
N GLY A 41 -9.01 4.44 5.85
CA GLY A 41 -7.64 4.54 6.28
C GLY A 41 -6.65 3.73 5.43
N ARG A 42 -7.15 2.82 4.58
CA ARG A 42 -6.23 2.04 3.74
C ARG A 42 -6.05 2.47 2.32
N SER A 43 -4.81 2.44 1.83
CA SER A 43 -4.59 2.82 0.42
C SER A 43 -5.24 1.83 -0.60
N ALA A 44 -5.74 2.40 -1.71
CA ALA A 44 -6.20 1.63 -2.86
C ALA A 44 -5.12 0.67 -3.25
N TYR A 45 -3.88 1.16 -3.16
CA TYR A 45 -2.71 0.35 -3.47
C TYR A 45 -2.65 -1.00 -2.84
N GLU A 46 -3.08 -1.11 -1.60
CA GLU A 46 -3.05 -2.39 -0.90
C GLU A 46 -3.81 -3.39 -1.67
N PHE A 47 -4.74 -2.96 -2.53
CA PHE A 47 -5.71 -3.92 -3.10
C PHE A 47 -5.52 -4.38 -4.58
N TYR A 48 -4.77 -3.62 -5.40
CA TYR A 48 -4.55 -4.02 -6.74
C TYR A 48 -3.70 -5.30 -6.80
N HIS A 49 -4.02 -6.13 -7.77
CA HIS A 49 -3.13 -7.14 -8.28
C HIS A 49 -1.79 -6.59 -8.67
N ALA A 50 -0.73 -7.38 -8.44
CA ALA A 50 0.61 -6.91 -8.69
C ALA A 50 0.76 -6.48 -10.15
N LEU A 51 0.08 -7.18 -11.05
CA LEU A 51 0.29 -6.93 -12.48
C LEU A 51 -0.40 -5.67 -12.97
N ASP A 52 -1.12 -4.97 -12.09
CA ASP A 52 -1.90 -3.78 -12.46
C ASP A 52 -1.37 -2.53 -11.85
N SER A 53 -0.54 -2.74 -10.86
CA SER A 53 -0.10 -1.67 -10.01
C SER A 53 0.59 -0.51 -10.73
N GLU A 54 1.60 -0.78 -11.55
CA GLU A 54 2.25 0.37 -12.23
C GLU A 54 1.27 1.12 -13.12
N ASN A 55 0.46 0.41 -13.90
CA ASN A 55 -0.68 1.02 -14.64
C ASN A 55 -1.63 1.94 -13.89
N MET A 56 -2.04 1.51 -12.69
CA MET A 56 -2.81 2.37 -11.81
C MET A 56 -2.00 3.57 -11.38
N THR A 57 -0.72 3.36 -10.99
CA THR A 57 0.11 4.54 -10.68
C THR A 57 0.08 5.53 -11.87
N LYS A 58 0.08 5.00 -13.09
CA LYS A 58 0.06 5.87 -14.29
C LYS A 58 -1.29 6.57 -14.47
N SER A 59 -2.39 5.84 -14.25
CA SER A 59 -3.74 6.42 -14.38
C SER A 59 -3.84 7.47 -13.30
N HIS A 60 -3.31 7.15 -12.11
CA HIS A 60 -3.29 8.11 -11.07
C HIS A 60 -2.66 9.37 -11.53
N GLN A 61 -1.48 9.32 -12.15
CA GLN A 61 -0.79 10.55 -12.55
C GLN A 61 -1.57 11.40 -13.56
N ASN A 62 -2.22 10.75 -14.52
CA ASN A 62 -3.18 11.39 -15.40
C ASN A 62 -4.31 12.09 -14.66
N LEU A 63 -4.98 11.35 -13.77
CA LEU A 63 -5.98 11.95 -12.83
C LEU A 63 -5.52 13.23 -12.13
N CYS A 64 -4.26 13.25 -11.68
CA CYS A 64 -3.78 14.41 -10.96
C CYS A 64 -3.50 15.56 -11.92
N THR A 65 -2.95 15.23 -13.09
CA THR A 65 -2.67 16.27 -14.08
C THR A 65 -3.90 16.70 -14.88
N LYS A 66 -4.73 15.75 -15.33
CA LYS A 66 -6.03 16.09 -15.96
C LYS A 66 -7.21 16.49 -15.02
N GLY A 67 -7.40 15.81 -13.88
CA GLY A 67 -8.55 16.10 -12.98
C GLY A 67 -9.71 15.10 -13.03
N GLN A 68 -9.74 14.29 -14.06
CA GLN A 68 -10.71 13.22 -14.21
C GLN A 68 -10.01 12.21 -15.12
N VAL A 69 -10.32 10.91 -14.97
CA VAL A 69 -9.76 9.86 -15.80
C VAL A 69 -10.56 8.59 -15.66
N VAL A 70 -10.46 7.72 -16.66
CA VAL A 70 -11.00 6.39 -16.58
C VAL A 70 -9.78 5.51 -16.44
N SER A 71 -9.84 4.63 -15.45
CA SER A 71 -8.76 3.72 -15.14
C SER A 71 -8.46 2.73 -16.27
N GLY A 72 -9.46 2.33 -17.05
CA GLY A 72 -9.17 1.09 -17.82
C GLY A 72 -9.05 -0.05 -16.80
N GLN A 73 -8.85 -1.28 -17.28
CA GLN A 73 -9.22 -2.51 -16.53
C GLN A 73 -8.16 -2.98 -15.50
N TYR A 74 -8.60 -3.16 -14.27
CA TYR A 74 -7.67 -3.59 -13.21
C TYR A 74 -8.39 -4.63 -12.31
N ARG A 75 -7.61 -5.35 -11.49
CA ARG A 75 -8.14 -6.41 -10.59
C ARG A 75 -8.01 -5.93 -9.14
N MET A 76 -9.06 -6.20 -8.33
CA MET A 76 -9.04 -5.91 -6.88
C MET A 76 -9.07 -7.27 -6.19
N LEU A 77 -8.19 -7.46 -5.19
CA LEU A 77 -8.16 -8.70 -4.40
C LEU A 77 -9.46 -8.79 -3.63
N ALA A 78 -10.20 -9.86 -3.77
CA ALA A 78 -11.50 -9.91 -3.07
C ALA A 78 -11.28 -10.24 -1.61
N LYS A 79 -12.22 -9.83 -0.76
CA LYS A 79 -12.20 -10.19 0.67
C LYS A 79 -11.91 -11.69 0.94
N HIS A 80 -12.50 -12.61 0.18
CA HIS A 80 -12.22 -14.01 0.48
C HIS A 80 -11.43 -14.73 -0.57
N GLY A 81 -10.36 -14.09 -1.06
CA GLY A 81 -9.43 -14.68 -2.06
C GLY A 81 -9.90 -14.48 -3.49
N GLY A 82 -8.99 -14.56 -4.44
CA GLY A 82 -9.38 -14.33 -5.85
C GLY A 82 -9.47 -12.83 -6.15
N TYR A 83 -9.58 -12.47 -7.43
CA TYR A 83 -9.55 -11.07 -7.83
C TYR A 83 -10.79 -10.78 -8.66
N VAL A 84 -11.36 -9.56 -8.51
CA VAL A 84 -12.53 -9.08 -9.29
C VAL A 84 -12.07 -7.98 -10.26
N TRP A 85 -12.57 -7.96 -11.49
CA TRP A 85 -12.06 -6.93 -12.46
C TRP A 85 -12.89 -5.71 -12.30
N LEU A 86 -12.29 -4.53 -12.45
CA LEU A 86 -13.10 -3.37 -12.35
C LEU A 86 -12.61 -2.36 -13.36
N GLU A 87 -13.45 -1.35 -13.57
CA GLU A 87 -13.13 -0.19 -14.34
C GLU A 87 -13.67 0.90 -13.42
N THR A 88 -12.92 1.98 -13.26
CA THR A 88 -13.26 3.08 -12.43
C THR A 88 -13.14 4.34 -13.19
N GLN A 89 -14.14 5.23 -13.04
CA GLN A 89 -13.96 6.64 -13.33
C GLN A 89 -13.65 7.40 -12.07
N GLY A 90 -12.52 8.12 -12.09
CA GLY A 90 -12.12 8.97 -10.98
C GLY A 90 -12.17 10.48 -11.32
N THR A 91 -12.58 11.26 -10.34
CA THR A 91 -12.74 12.70 -10.50
C THR A 91 -12.22 13.36 -9.28
N VAL A 92 -11.31 14.32 -9.46
CA VAL A 92 -10.73 15.07 -8.32
C VAL A 92 -11.69 16.15 -7.94
N ILE A 93 -12.02 16.29 -6.64
CA ILE A 93 -12.81 17.43 -6.16
C ILE A 93 -11.81 18.41 -5.53
N TYR A 94 -11.59 19.56 -6.20
CA TYR A 94 -10.74 20.66 -5.71
C TYR A 94 -11.69 21.66 -5.02
N ASN A 95 -11.27 22.46 -4.03
CA ASN A 95 -12.24 23.48 -3.50
C ASN A 95 -11.99 24.98 -3.92
N PRO A 96 -12.03 25.97 -2.96
CA PRO A 96 -12.04 27.41 -3.32
C PRO A 96 -11.34 27.82 -4.61
N PRO A 101 -6.70 20.24 -4.15
CA PRO A 101 -7.38 18.97 -4.25
C PRO A 101 -7.91 18.65 -2.91
N GLN A 102 -9.20 18.34 -2.82
CA GLN A 102 -9.80 17.97 -1.53
C GLN A 102 -10.09 16.48 -1.39
N CYS A 103 -10.41 15.84 -2.49
CA CYS A 103 -10.63 14.38 -2.49
C CYS A 103 -10.84 13.81 -3.89
N ILE A 104 -10.93 12.48 -3.97
CA ILE A 104 -11.20 11.84 -5.21
C ILE A 104 -12.44 11.04 -5.11
N MET A 105 -13.34 11.25 -6.09
CA MET A 105 -14.57 10.45 -6.18
C MET A 105 -14.34 9.42 -7.21
N CYS A 106 -14.69 8.19 -6.84
CA CYS A 106 -14.54 7.09 -7.71
C CYS A 106 -15.87 6.44 -7.94
N VAL A 107 -16.17 6.32 -9.23
CA VAL A 107 -17.35 5.52 -9.63
C VAL A 107 -16.80 4.16 -10.09
N ASN A 108 -17.13 3.05 -9.42
CA ASN A 108 -16.41 1.81 -9.66
C ASN A 108 -17.40 0.81 -10.23
N TYR A 109 -17.07 0.24 -11.40
CA TYR A 109 -17.96 -0.74 -12.07
CA TYR A 109 -17.95 -0.74 -12.01
C TYR A 109 -17.28 -2.09 -12.12
N VAL A 110 -17.99 -3.11 -11.64
CA VAL A 110 -17.42 -4.43 -11.57
C VAL A 110 -17.72 -5.08 -12.91
N LEU A 111 -16.64 -5.40 -13.58
CA LEU A 111 -16.64 -6.19 -14.81
C LEU A 111 -16.92 -7.68 -14.65
N SER A 112 -16.55 -8.29 -13.52
CA SER A 112 -16.49 -9.76 -13.36
C SER A 112 -17.03 -10.29 -12.01
N GLU A 113 -17.37 -11.59 -11.94
CA GLU A 113 -17.63 -12.26 -10.63
C GLU A 113 -16.40 -13.06 -10.19
N CYS B 8 30.04 -13.21 -0.46
CA CYS B 8 29.20 -12.23 -1.19
C CYS B 8 28.26 -11.50 -0.22
N GLN B 9 28.30 -10.17 -0.26
CA GLN B 9 27.40 -9.33 0.55
C GLN B 9 25.93 -9.68 0.27
N PRO B 10 25.11 -9.80 1.32
CA PRO B 10 23.67 -9.77 1.02
C PRO B 10 23.23 -8.38 0.48
N THR B 11 22.21 -8.32 -0.36
CA THR B 11 21.72 -6.98 -0.76
C THR B 11 20.69 -6.50 0.27
N ARG B 12 20.81 -5.24 0.65
CA ARG B 12 20.05 -4.66 1.76
C ARG B 12 20.10 -3.11 1.86
N PHE B 13 18.99 -2.57 2.37
CA PHE B 13 18.87 -1.14 2.62
C PHE B 13 18.12 -0.85 3.90
N ILE B 14 18.49 0.27 4.46
CA ILE B 14 17.86 0.80 5.64
C ILE B 14 16.66 1.68 5.27
N SER B 15 15.61 1.56 6.02
CA SER B 15 14.49 2.53 5.94
C SER B 15 14.00 2.92 7.33
N ARG B 16 13.28 4.05 7.40
CA ARG B 16 12.62 4.50 8.68
C ARG B 16 11.16 4.71 8.31
N HIS B 17 10.28 4.35 9.23
CA HIS B 17 8.85 4.43 9.07
C HIS B 17 8.21 5.05 10.30
N ASN B 18 6.97 5.55 10.13
CA ASN B 18 6.22 5.97 11.23
C ASN B 18 5.50 4.72 11.74
N ILE B 19 4.77 4.84 12.84
CA ILE B 19 4.25 3.61 13.47
C ILE B 19 3.15 2.95 12.58
N GLU B 20 2.62 3.73 11.63
CA GLU B 20 1.59 3.27 10.70
C GLU B 20 2.20 2.46 9.53
N GLY B 21 3.52 2.51 9.34
CA GLY B 21 4.17 1.76 8.24
C GLY B 21 4.66 2.66 7.08
N ILE B 22 4.35 3.94 7.14
CA ILE B 22 4.68 4.86 6.00
C ILE B 22 6.17 5.03 5.98
N PHE B 23 6.82 4.85 4.83
CA PHE B 23 8.27 5.17 4.66
C PHE B 23 8.53 6.66 4.88
N THR B 24 9.38 7.02 5.83
CA THR B 24 9.73 8.41 6.10
C THR B 24 11.19 8.69 5.74
N PHE B 25 12.00 7.63 5.58
CA PHE B 25 13.37 7.73 5.12
C PHE B 25 13.76 6.43 4.33
N VAL B 26 14.43 6.54 3.20
CA VAL B 26 14.86 5.33 2.41
C VAL B 26 16.31 5.48 2.00
N ASP B 27 17.17 4.56 2.46
CA ASP B 27 18.57 4.50 2.02
C ASP B 27 18.66 4.04 0.53
N HIS B 28 19.50 4.73 -0.24
CA HIS B 28 19.61 4.57 -1.71
C HIS B 28 20.09 3.20 -2.15
N ARG B 29 20.67 2.42 -1.23
CA ARG B 29 20.90 0.98 -1.52
C ARG B 29 19.66 0.17 -1.96
N CYS B 30 18.47 0.73 -1.70
CA CYS B 30 17.21 0.21 -2.20
C CYS B 30 17.12 0.00 -3.71
N VAL B 31 17.81 0.84 -4.51
CA VAL B 31 17.72 0.67 -5.97
C VAL B 31 18.18 -0.71 -6.42
N ALA B 32 19.30 -1.14 -5.90
CA ALA B 32 19.89 -2.40 -6.26
C ALA B 32 19.19 -3.56 -5.52
N THR B 33 18.62 -3.26 -4.38
CA THR B 33 17.86 -4.29 -3.65
C THR B 33 16.46 -4.53 -4.27
N VAL B 34 15.65 -3.48 -4.42
CA VAL B 34 14.29 -3.71 -4.89
C VAL B 34 14.00 -2.96 -6.20
N GLY B 35 15.02 -2.26 -6.69
CA GLY B 35 14.85 -1.51 -7.92
C GLY B 35 14.08 -0.20 -7.99
N TYR B 36 13.44 0.21 -6.92
CA TYR B 36 12.80 1.50 -6.94
C TYR B 36 13.84 2.56 -6.50
N GLN B 37 13.72 3.80 -6.99
CA GLN B 37 14.41 4.96 -6.38
C GLN B 37 13.81 5.25 -5.02
N PRO B 38 14.61 5.78 -4.06
CA PRO B 38 14.10 6.27 -2.79
C PRO B 38 12.75 7.01 -2.86
N GLN B 39 12.56 7.91 -3.83
CA GLN B 39 11.34 8.74 -3.85
C GLN B 39 10.09 7.98 -4.33
N GLU B 40 10.29 6.81 -4.95
CA GLU B 40 9.15 5.98 -5.32
C GLU B 40 8.66 5.23 -4.08
N LEU B 41 9.50 5.21 -3.05
CA LEU B 41 9.14 4.60 -1.75
C LEU B 41 8.62 5.62 -0.67
N LEU B 42 9.25 6.80 -0.61
CA LEU B 42 8.98 7.85 0.42
C LEU B 42 7.51 8.24 0.47
N GLY B 43 6.87 8.14 1.63
CA GLY B 43 5.49 8.60 1.72
C GLY B 43 4.50 7.50 1.48
N LYS B 44 4.94 6.33 0.99
CA LYS B 44 4.01 5.26 0.79
C LYS B 44 4.12 4.24 1.92
N ASN B 45 3.06 3.52 2.19
CA ASN B 45 3.11 2.52 3.28
C ASN B 45 3.82 1.21 2.78
N ILE B 46 4.61 0.57 3.65
CA ILE B 46 5.44 -0.53 3.19
C ILE B 46 4.50 -1.69 2.81
N VAL B 47 3.33 -1.71 3.43
CA VAL B 47 2.26 -2.69 3.16
C VAL B 47 1.69 -2.69 1.71
N GLU B 48 1.82 -1.54 1.03
CA GLU B 48 1.50 -1.42 -0.39
C GLU B 48 2.42 -2.17 -1.36
N PHE B 49 3.55 -2.67 -0.88
CA PHE B 49 4.50 -3.29 -1.72
C PHE B 49 4.49 -4.71 -1.32
N CYS B 50 3.68 -5.01 -0.34
CA CYS B 50 3.58 -6.38 0.23
C CYS B 50 2.59 -7.40 -0.36
N HIS B 51 3.02 -8.68 -0.38
CA HIS B 51 2.18 -9.71 -0.99
C HIS B 51 0.90 -9.82 -0.16
N PRO B 52 -0.30 -9.98 -0.82
CA PRO B 52 -1.57 -9.96 -0.16
C PRO B 52 -1.59 -10.94 1.01
N GLU B 53 -0.93 -12.07 0.84
CA GLU B 53 -0.99 -13.08 1.92
C GLU B 53 -0.10 -12.66 3.07
N ASP B 54 0.76 -11.68 2.86
CA ASP B 54 1.70 -11.28 3.93
C ASP B 54 1.38 -9.90 4.58
N GLN B 55 0.39 -9.19 4.03
CA GLN B 55 0.06 -7.81 4.49
C GLN B 55 -0.34 -7.75 5.97
N GLN B 56 -1.15 -8.70 6.43
CA GLN B 56 -1.60 -8.61 7.77
C GLN B 56 -0.42 -8.93 8.73
N LEU B 57 0.42 -9.92 8.40
CA LEU B 57 1.63 -10.16 9.22
C LEU B 57 2.45 -8.90 9.37
N LEU B 58 2.67 -8.24 8.27
CA LEU B 58 3.50 -7.07 8.31
C LEU B 58 2.84 -5.95 9.17
N ARG B 59 1.53 -5.74 9.00
CA ARG B 59 0.84 -4.78 9.85
C ARG B 59 0.92 -5.20 11.30
N ASP B 60 0.73 -6.48 11.64
CA ASP B 60 0.84 -6.80 13.07
C ASP B 60 2.31 -6.67 13.55
N SER B 61 3.25 -6.83 12.61
CA SER B 61 4.69 -6.66 12.97
C SER B 61 4.99 -5.21 13.37
N PHE B 62 4.56 -4.26 12.54
CA PHE B 62 4.65 -2.88 12.94
C PHE B 62 3.96 -2.55 14.26
N GLN B 63 2.78 -3.10 14.49
CA GLN B 63 2.11 -2.87 15.76
C GLN B 63 2.93 -3.42 16.91
N GLN B 64 3.53 -4.60 16.73
CA GLN B 64 4.28 -5.15 17.82
C GLN B 64 5.63 -4.57 18.12
N VAL B 65 6.39 -4.19 17.09
CA VAL B 65 7.70 -3.68 17.32
C VAL B 65 7.61 -2.53 18.37
N VAL B 66 6.54 -1.74 18.37
CA VAL B 66 6.46 -0.62 19.35
C VAL B 66 6.21 -1.06 20.78
N LYS B 67 5.81 -2.30 21.00
CA LYS B 67 5.62 -2.75 22.38
C LYS B 67 6.81 -3.54 22.87
N LEU B 68 7.77 -3.74 22.00
CA LEU B 68 8.88 -4.61 22.36
C LEU B 68 10.07 -3.86 23.08
N LYS B 69 9.81 -2.65 23.56
CA LYS B 69 10.87 -1.94 24.35
C LYS B 69 12.14 -1.64 23.53
N GLY B 70 12.03 -1.19 22.28
CA GLY B 70 13.24 -1.02 21.46
C GLY B 70 14.11 -2.22 21.03
N GLN B 71 13.80 -3.48 21.46
CA GLN B 71 14.41 -4.79 20.97
C GLN B 71 14.05 -5.09 19.46
N VAL B 72 14.77 -6.04 18.85
CA VAL B 72 14.64 -6.37 17.42
C VAL B 72 13.43 -7.29 17.14
N LEU B 73 12.60 -6.86 16.20
CA LEU B 73 11.57 -7.70 15.60
C LEU B 73 11.94 -7.98 14.14
N SER B 74 11.86 -9.22 13.76
CA SER B 74 12.16 -9.53 12.41
C SER B 74 10.93 -10.14 11.72
N VAL B 75 10.83 -9.95 10.41
CA VAL B 75 9.66 -10.43 9.69
C VAL B 75 10.11 -10.84 8.29
N MET B 76 9.55 -11.93 7.75
CA MET B 76 9.78 -12.26 6.34
C MET B 76 8.53 -12.07 5.47
N PHE B 77 8.64 -11.41 4.34
CA PHE B 77 7.47 -11.21 3.50
C PHE B 77 7.92 -10.99 2.07
N ARG B 78 6.99 -11.05 1.15
CA ARG B 78 7.26 -10.88 -0.24
C ARG B 78 6.95 -9.48 -0.62
N PHE B 79 7.95 -8.87 -1.26
CA PHE B 79 7.96 -7.47 -1.62
C PHE B 79 8.00 -7.35 -3.13
N ARG B 80 7.21 -6.44 -3.71
CA ARG B 80 7.02 -6.42 -5.12
C ARG B 80 8.11 -5.48 -5.67
N SER B 81 9.11 -6.06 -6.37
CA SER B 81 10.25 -5.26 -6.91
C SER B 81 9.76 -4.37 -8.02
N LYS B 82 10.58 -3.45 -8.46
CA LYS B 82 10.16 -2.65 -9.59
C LYS B 82 9.95 -3.50 -10.87
N ASN B 83 10.54 -4.69 -10.96
CA ASN B 83 10.15 -5.62 -12.07
C ASN B 83 8.74 -6.28 -11.93
N GLN B 84 8.06 -5.97 -10.86
CA GLN B 84 6.78 -6.62 -10.54
C GLN B 84 6.96 -8.12 -10.14
N GLU B 85 8.23 -8.58 -9.96
CA GLU B 85 8.56 -9.89 -9.24
C GLU B 85 8.43 -9.91 -7.68
N TRP B 86 7.98 -11.01 -7.07
CA TRP B 86 7.91 -11.08 -5.64
C TRP B 86 9.26 -11.51 -5.10
N LEU B 87 9.91 -10.65 -4.32
CA LEU B 87 11.22 -10.94 -3.70
C LEU B 87 10.97 -11.23 -2.23
N TRP B 88 11.60 -12.29 -1.76
CA TRP B 88 11.57 -12.55 -0.36
C TRP B 88 12.46 -11.57 0.40
N MET B 89 11.84 -10.83 1.34
CA MET B 89 12.51 -9.84 2.22
C MET B 89 12.55 -10.27 3.65
N ARG B 90 13.73 -10.10 4.30
CA ARG B 90 13.76 -10.15 5.76
C ARG B 90 13.96 -8.70 6.26
N THR B 91 12.99 -8.18 7.01
CA THR B 91 13.08 -6.82 7.60
C THR B 91 13.26 -7.03 9.10
N SER B 92 14.34 -6.48 9.65
CA SER B 92 14.65 -6.46 11.06
C SER B 92 14.39 -5.05 11.48
N SER B 93 13.54 -4.92 12.48
CA SER B 93 13.20 -3.58 12.88
C SER B 93 13.26 -3.38 14.40
N PHE B 94 13.43 -2.13 14.81
CA PHE B 94 13.39 -1.79 16.25
C PHE B 94 13.00 -0.32 16.38
N THR B 95 12.45 0.07 17.53
CA THR B 95 12.05 1.47 17.67
C THR B 95 13.22 2.33 18.25
N PHE B 96 13.19 3.62 17.96
CA PHE B 96 14.13 4.50 18.57
C PHE B 96 13.33 5.68 19.08
N GLN B 97 13.72 6.16 20.25
CA GLN B 97 13.06 7.29 20.85
C GLN B 97 14.16 7.95 21.66
N ASN B 98 14.47 9.19 21.31
CA ASN B 98 15.48 9.95 22.01
C ASN B 98 15.02 10.26 23.46
N PRO B 99 15.82 9.82 24.43
CA PRO B 99 15.35 9.86 25.81
C PRO B 99 15.51 11.27 26.42
N TYR B 100 16.10 12.22 25.69
CA TYR B 100 16.04 13.65 26.05
C TYR B 100 14.70 14.27 25.72
N SER B 101 13.85 13.54 24.99
CA SER B 101 12.58 14.09 24.53
C SER B 101 11.48 13.10 24.85
N ASP B 102 10.27 13.55 24.57
CA ASP B 102 9.09 12.71 24.59
C ASP B 102 8.38 12.83 23.22
N GLU B 103 9.18 12.84 22.15
CA GLU B 103 8.65 12.72 20.82
C GLU B 103 8.24 11.26 20.52
N ILE B 104 7.23 11.14 19.66
CA ILE B 104 6.71 9.85 19.21
C ILE B 104 7.88 8.98 18.67
N GLU B 105 8.00 7.77 19.18
CA GLU B 105 9.04 6.88 18.66
C GLU B 105 8.84 6.60 17.17
N TYR B 106 9.93 6.35 16.47
CA TYR B 106 9.78 5.79 15.13
C TYR B 106 10.55 4.46 14.97
N ILE B 107 10.44 3.96 13.76
CA ILE B 107 10.80 2.56 13.49
C ILE B 107 11.95 2.54 12.50
N ILE B 108 13.03 1.85 12.89
CA ILE B 108 14.22 1.78 12.00
C ILE B 108 14.24 0.36 11.45
N CYS B 109 14.33 0.22 10.13
CA CYS B 109 14.36 -1.10 9.52
C CYS B 109 15.62 -1.35 8.74
N THR B 110 16.08 -2.58 8.78
CA THR B 110 17.03 -3.00 7.76
C THR B 110 16.30 -4.05 6.93
N ASN B 111 16.42 -3.94 5.62
CA ASN B 111 15.66 -4.79 4.66
C ASN B 111 16.57 -5.62 3.73
N THR B 112 16.63 -6.95 3.94
CA THR B 112 17.51 -7.81 3.11
C THR B 112 16.75 -8.83 2.20
N ASN B 113 17.11 -8.93 0.92
CA ASN B 113 16.65 -10.01 -0.01
C ASN B 113 17.23 -11.36 0.42
N VAL B 114 16.38 -12.26 0.89
CA VAL B 114 16.85 -13.55 1.44
C VAL B 114 16.18 -14.68 0.62
N LYS B 115 16.67 -15.89 0.78
CA LYS B 115 16.15 -17.08 0.17
C LYS B 115 15.05 -17.59 1.08
N ASN B 116 13.89 -17.90 0.54
CA ASN B 116 13.02 -18.69 1.37
C ASN B 116 13.27 -20.20 1.09
N SER B 117 14.13 -20.83 1.87
CA SER B 117 14.42 -22.27 1.70
C SER B 117 15.36 -22.84 2.78
N1 86D C . -8.53 -2.43 -5.96
C17 86D C . -9.16 -1.45 -5.87
C6 86D C . -9.88 -0.36 -5.78
C7 86D C . -9.24 0.90 -5.89
C8 86D C . -10.01 2.04 -5.82
C9 86D C . -11.39 1.95 -5.66
C10 86D C . -12.02 0.72 -5.54
F1 86D C . -13.38 0.64 -5.38
C5 86D C . -11.26 -0.46 -5.63
O1 86D C . -9.33 3.24 -5.87
C1 86D C . -9.10 3.83 -7.05
C14 86D C . -8.43 5.02 -6.97
C15 86D C . -7.99 5.74 -5.68
C11 86D C . -7.75 7.17 -6.25
F5 86D C . -6.77 7.70 -5.53
F2 86D C . -8.82 7.96 -6.17
C13 86D C . -8.23 5.73 -8.12
C12 86D C . -7.53 7.02 -7.75
O4 86D C . -6.12 6.82 -8.01
C4 86D C . -8.66 5.21 -9.39
C3 86D C . -9.27 3.95 -9.47
C2 86D C . -9.47 3.23 -8.25
S1 86D C . -8.43 6.02 -10.83
O2 86D C . -8.71 7.35 -10.50
O3 86D C . -9.41 5.59 -11.82
C16 86D C . -6.88 5.77 -11.32
F3 86D C . -7.00 4.59 -11.97
F4 86D C . -6.14 5.45 -10.25
#